data_4PH4
#
_entry.id   4PH4
#
_cell.length_a   114.532
_cell.length_b   114.532
_cell.length_c   146.257
_cell.angle_alpha   90.000
_cell.angle_beta   90.000
_cell.angle_gamma   90.000
#
_symmetry.space_group_name_H-M   'P 41 21 2'
#
loop_
_entity.id
_entity.type
_entity.pdbx_description
1 polymer 'Phosphatidylinositol 3-kinase catalytic subunit type 3'
2 non-polymer GLYCEROL
3 non-polymer "4'-(cyclopropylmethyl)-N~2~-(pyridin-4-yl)-4,5'-bipyrimidine-2,2'-diamine"
4 water water
#
_entity_poly.entity_id   1
_entity_poly.type   'polypeptide(L)'
_entity_poly.pdbx_seq_one_letter_code
;MSYYHHHHHHDYDIPTTENLYFQGAMGSGIRDQLNIIVSYPPTKQLTYEEQDLVWKFRYYLTNQEKALTKFLKCVNWDLP
QEAKQALELLGKWKPMDVEDSLELLSSHYTNPTVRRYAVARLRQADDEDLLMYLLQLVQALKYENFDDIKNGLEPTKKDS
QSSVSENVSNSGINSAEIDSSQIITSPLPSVSSPPPASKTKEVPDGENLEQDLCTFLISRACKNSTLANYLYWYVIVECE
DQDTQQRDPKTHEMYLNVMRRFSQALLKGDKSVRVMRSLLAAQQTFVDRLVHLMKAVQRESGNRKKKNERLQALLGDNEK
MNLSDVELIPLPLEPQVKIRGIIPETATLFKSALMPAQLFFKTEDGGKYPVIFKHGDDLRQDQLILQIISLMDKLLRKEN
LDLKLTPYKVLATSTKHGFMQFIQSVPVAEVLDTEGSIQNFFRKYAPSENGPNGISAEVMDTYVKSCAGYCVITYILGVG
DRHLDNLLLTKTGKLFHIDFGYILGRDPKPLPPPMKLNKEMVEGMGGTQSEQYQEFRKQCYTAFLHLRRYSNLILNLFSL
MVDANIPDIALEPDKTVKKVQDKFRLDLSDEEAVHYMQSLIDESVHALFAAVVEQIHKFAQYWRK
;
_entity_poly.pdbx_strand_id   B
#
# COMPACT_ATOMS: atom_id res chain seq x y z
N SER A 28 11.67 -11.58 42.30
CA SER A 28 12.04 -11.87 40.91
C SER A 28 12.18 -10.58 40.08
N GLY A 29 13.42 -10.17 39.85
CA GLY A 29 13.78 -8.96 39.10
C GLY A 29 14.16 -9.17 37.65
N ILE A 30 14.27 -10.45 37.21
CA ILE A 30 14.62 -10.85 35.84
C ILE A 30 13.52 -10.48 34.83
N ARG A 31 12.24 -10.47 35.28
CA ARG A 31 11.04 -10.13 34.51
C ARG A 31 11.10 -8.73 33.87
N ASP A 32 11.91 -7.80 34.46
CA ASP A 32 12.12 -6.44 33.97
C ASP A 32 12.86 -6.45 32.64
N GLN A 33 14.06 -7.08 32.61
CA GLN A 33 14.90 -7.24 31.42
C GLN A 33 14.20 -8.10 30.37
N LEU A 34 13.42 -9.10 30.85
CA LEU A 34 12.63 -10.01 30.03
C LEU A 34 11.48 -9.30 29.31
N ASN A 35 10.84 -8.31 29.95
CA ASN A 35 9.73 -7.56 29.34
C ASN A 35 10.20 -6.57 28.27
N ILE A 36 11.47 -6.12 28.33
CA ILE A 36 12.08 -5.22 27.36
C ILE A 36 12.20 -5.97 26.03
N ILE A 37 12.70 -7.23 26.09
CA ILE A 37 12.88 -8.16 24.96
C ILE A 37 11.55 -8.45 24.25
N VAL A 38 10.45 -8.62 25.01
CA VAL A 38 9.11 -8.90 24.49
C VAL A 38 8.52 -7.67 23.74
N SER A 39 8.76 -6.45 24.27
CA SER A 39 8.27 -5.18 23.71
C SER A 39 9.01 -4.71 22.42
N TYR A 40 10.14 -5.37 22.08
CA TYR A 40 10.99 -5.10 20.90
C TYR A 40 10.23 -5.10 19.55
N PRO A 41 10.74 -4.37 18.52
CA PRO A 41 10.13 -4.47 17.18
C PRO A 41 10.38 -5.85 16.58
N PRO A 42 9.48 -6.34 15.69
CA PRO A 42 9.66 -7.66 15.09
C PRO A 42 10.97 -7.93 14.35
N THR A 43 11.65 -6.87 13.89
CA THR A 43 12.87 -7.01 13.11
C THR A 43 14.15 -6.81 13.94
N LYS A 44 14.01 -6.39 15.23
CA LYS A 44 15.17 -6.26 16.12
C LYS A 44 15.73 -7.66 16.40
N GLN A 45 16.98 -7.90 15.98
CA GLN A 45 17.68 -9.17 16.18
C GLN A 45 17.99 -9.37 17.67
N LEU A 46 17.62 -10.55 18.23
CA LEU A 46 17.87 -10.88 19.64
C LEU A 46 19.31 -11.34 19.82
N THR A 47 20.01 -10.79 20.82
CA THR A 47 21.40 -11.15 21.10
C THR A 47 21.48 -12.53 21.76
N TYR A 48 22.63 -13.22 21.62
CA TYR A 48 22.89 -14.56 22.20
C TYR A 48 22.41 -14.68 23.64
N GLU A 49 22.65 -13.63 24.45
CA GLU A 49 22.24 -13.50 25.85
C GLU A 49 20.72 -13.43 25.97
N GLU A 50 20.06 -12.57 25.16
CA GLU A 50 18.60 -12.39 25.14
C GLU A 50 17.90 -13.66 24.68
N GLN A 51 18.52 -14.38 23.73
CA GLN A 51 18.06 -15.63 23.14
C GLN A 51 18.00 -16.74 24.20
N ASP A 52 19.11 -16.92 24.95
CA ASP A 52 19.19 -17.92 26.00
C ASP A 52 18.35 -17.54 27.24
N LEU A 53 18.03 -16.24 27.42
CA LEU A 53 17.16 -15.79 28.52
C LEU A 53 15.69 -16.13 28.24
N VAL A 54 15.27 -16.04 26.96
CA VAL A 54 13.90 -16.38 26.49
C VAL A 54 13.75 -17.90 26.53
N TRP A 55 14.76 -18.63 26.04
CA TRP A 55 14.77 -20.10 26.03
C TRP A 55 14.79 -20.67 27.45
N LYS A 56 15.41 -19.96 28.42
CA LYS A 56 15.47 -20.41 29.82
C LYS A 56 14.11 -20.29 30.51
N PHE A 57 13.39 -19.19 30.23
CA PHE A 57 12.10 -18.86 30.82
C PHE A 57 10.85 -19.15 29.96
N ARG A 58 10.93 -20.05 28.96
CA ARG A 58 9.83 -20.37 28.05
C ARG A 58 8.47 -20.52 28.69
N TYR A 59 8.37 -21.39 29.72
CA TYR A 59 7.07 -21.72 30.41
C TYR A 59 6.44 -20.51 31.15
N TYR A 60 7.30 -19.60 31.72
CA TYR A 60 6.85 -18.36 32.38
C TYR A 60 6.22 -17.40 31.34
N LEU A 61 6.73 -17.44 30.10
CA LEU A 61 6.31 -16.60 28.98
C LEU A 61 5.06 -17.08 28.21
N THR A 62 4.54 -18.31 28.49
CA THR A 62 3.37 -18.88 27.80
C THR A 62 2.07 -18.12 28.07
N ASN A 63 2.05 -17.23 29.08
CA ASN A 63 0.88 -16.41 29.38
C ASN A 63 0.94 -15.06 28.62
N GLN A 64 2.15 -14.69 28.14
CA GLN A 64 2.42 -13.49 27.34
C GLN A 64 2.37 -13.82 25.83
N GLU A 65 1.39 -13.25 25.13
CA GLU A 65 1.15 -13.47 23.71
C GLU A 65 2.20 -12.81 22.79
N LYS A 66 2.58 -11.56 23.09
CA LYS A 66 3.59 -10.78 22.35
C LYS A 66 5.01 -11.36 22.52
N ALA A 67 5.15 -12.45 23.28
CA ALA A 67 6.39 -13.15 23.58
C ALA A 67 6.64 -14.33 22.67
N LEU A 68 5.56 -15.02 22.20
CA LEU A 68 5.67 -16.19 21.30
C LEU A 68 6.57 -15.87 20.09
N THR A 69 6.38 -14.67 19.52
CA THR A 69 7.16 -14.08 18.41
C THR A 69 8.68 -14.21 18.71
N LYS A 70 9.11 -13.67 19.87
CA LYS A 70 10.47 -13.67 20.39
C LYS A 70 10.94 -15.09 20.68
N PHE A 71 10.05 -15.96 21.20
CA PHE A 71 10.38 -17.35 21.50
C PHE A 71 10.77 -18.14 20.26
N LEU A 72 9.94 -18.07 19.19
CA LEU A 72 10.15 -18.81 17.93
C LEU A 72 11.46 -18.47 17.20
N LYS A 73 12.08 -17.30 17.45
CA LYS A 73 13.36 -16.97 16.79
C LYS A 73 14.60 -17.46 17.59
N CYS A 74 14.38 -18.12 18.74
CA CYS A 74 15.44 -18.71 19.59
C CYS A 74 15.74 -20.15 19.16
N VAL A 75 14.78 -20.78 18.49
CA VAL A 75 14.79 -22.18 18.08
C VAL A 75 15.65 -22.44 16.83
N ASN A 76 16.47 -23.51 16.90
CA ASN A 76 17.31 -24.03 15.82
C ASN A 76 16.46 -25.12 15.16
N TRP A 77 15.60 -24.70 14.23
CA TRP A 77 14.66 -25.56 13.49
C TRP A 77 15.34 -26.68 12.67
N ASP A 78 16.68 -26.59 12.49
CA ASP A 78 17.51 -27.59 11.80
C ASP A 78 17.90 -28.74 12.75
N LEU A 79 17.62 -28.56 14.07
CA LEU A 79 17.84 -29.55 15.10
C LEU A 79 16.50 -30.26 15.38
N PRO A 80 16.37 -31.54 14.96
CA PRO A 80 15.09 -32.25 15.14
C PRO A 80 14.54 -32.28 16.55
N GLN A 81 15.40 -32.42 17.57
CA GLN A 81 14.96 -32.45 18.97
C GLN A 81 14.43 -31.09 19.44
N GLU A 82 15.13 -30.00 19.06
CA GLU A 82 14.80 -28.62 19.44
C GLU A 82 13.45 -28.16 18.88
N ALA A 83 13.19 -28.47 17.59
CA ALA A 83 11.95 -28.14 16.88
C ALA A 83 10.76 -28.82 17.57
N LYS A 84 10.86 -30.14 17.85
CA LYS A 84 9.84 -30.96 18.51
C LYS A 84 9.34 -30.35 19.81
N GLN A 85 10.25 -29.82 20.64
CA GLN A 85 9.86 -29.21 21.91
C GLN A 85 9.22 -27.86 21.68
N ALA A 86 9.71 -27.08 20.68
CA ALA A 86 9.19 -25.76 20.32
C ALA A 86 7.75 -25.84 19.83
N LEU A 87 7.44 -26.85 18.96
CA LEU A 87 6.07 -27.09 18.45
C LEU A 87 5.09 -27.44 19.58
N GLU A 88 5.62 -28.08 20.65
CA GLU A 88 4.86 -28.43 21.86
C GLU A 88 4.43 -27.14 22.57
N LEU A 89 5.38 -26.19 22.71
CA LEU A 89 5.18 -24.89 23.37
C LEU A 89 4.17 -24.06 22.58
N LEU A 90 4.24 -24.11 21.22
CA LEU A 90 3.36 -23.43 20.29
C LEU A 90 1.88 -23.70 20.61
N GLY A 91 1.56 -25.00 20.79
CA GLY A 91 0.23 -25.49 21.13
C GLY A 91 -0.28 -24.95 22.46
N LYS A 92 0.56 -25.06 23.51
CA LYS A 92 0.25 -24.59 24.87
C LYS A 92 0.21 -23.05 25.01
N TRP A 93 0.89 -22.32 24.09
CA TRP A 93 1.00 -20.85 24.09
C TRP A 93 -0.30 -20.09 23.87
N LYS A 94 -0.48 -18.96 24.61
CA LYS A 94 -1.61 -18.03 24.49
C LYS A 94 -1.56 -17.48 23.05
N PRO A 95 -2.58 -17.76 22.21
CA PRO A 95 -2.53 -17.33 20.80
C PRO A 95 -2.22 -15.86 20.59
N MET A 96 -1.37 -15.60 19.60
CA MET A 96 -0.90 -14.26 19.19
C MET A 96 -1.89 -13.57 18.28
N ASP A 97 -1.81 -12.23 18.26
CA ASP A 97 -2.65 -11.35 17.44
C ASP A 97 -2.32 -11.56 15.95
N VAL A 98 -3.30 -11.28 15.07
CA VAL A 98 -3.18 -11.35 13.61
C VAL A 98 -1.93 -10.56 13.12
N GLU A 99 -1.75 -9.33 13.61
CA GLU A 99 -0.63 -8.41 13.32
C GLU A 99 0.75 -9.08 13.49
N ASP A 100 0.91 -9.93 14.54
CA ASP A 100 2.16 -10.62 14.86
C ASP A 100 2.39 -11.88 14.03
N SER A 101 1.30 -12.52 13.57
CA SER A 101 1.34 -13.75 12.78
C SER A 101 1.95 -13.52 11.40
N LEU A 102 1.95 -12.28 10.95
CA LEU A 102 2.52 -11.86 9.68
C LEU A 102 4.03 -12.12 9.64
N GLU A 103 4.73 -11.91 10.78
CA GLU A 103 6.16 -12.18 10.96
C GLU A 103 6.50 -13.65 10.65
N LEU A 104 5.63 -14.56 11.08
CA LEU A 104 5.76 -16.00 10.89
C LEU A 104 5.68 -16.45 9.43
N LEU A 105 5.19 -15.57 8.54
CA LEU A 105 5.07 -15.87 7.10
C LEU A 105 6.26 -15.32 6.28
N SER A 106 7.21 -14.62 6.94
CA SER A 106 8.43 -14.11 6.31
C SER A 106 9.40 -15.26 5.98
N SER A 107 10.46 -14.97 5.21
CA SER A 107 11.49 -15.93 4.78
C SER A 107 12.21 -16.62 5.95
N HIS A 108 12.22 -16.00 7.15
CA HIS A 108 12.86 -16.54 8.34
C HIS A 108 12.30 -17.91 8.76
N TYR A 109 10.98 -18.11 8.60
CA TYR A 109 10.39 -19.38 9.02
C TYR A 109 10.18 -20.33 7.83
N THR A 110 10.63 -21.56 8.02
CA THR A 110 10.57 -22.65 7.04
C THR A 110 9.81 -23.82 7.63
N ASN A 111 9.58 -23.79 8.95
CA ASN A 111 8.88 -24.83 9.67
C ASN A 111 7.40 -24.95 9.23
N PRO A 112 7.04 -26.07 8.54
CA PRO A 112 5.65 -26.24 8.08
C PRO A 112 4.57 -26.01 9.14
N THR A 113 4.83 -26.45 10.38
CA THR A 113 3.92 -26.32 11.52
C THR A 113 3.75 -24.84 11.96
N VAL A 114 4.86 -24.06 11.96
CA VAL A 114 4.89 -22.64 12.33
C VAL A 114 4.18 -21.79 11.26
N ARG A 115 4.30 -22.20 9.98
CA ARG A 115 3.67 -21.51 8.85
C ARG A 115 2.15 -21.76 8.83
N ARG A 116 1.73 -22.99 9.17
CA ARG A 116 0.33 -23.38 9.30
C ARG A 116 -0.29 -22.64 10.48
N TYR A 117 0.49 -22.48 11.58
CA TYR A 117 0.05 -21.75 12.77
C TYR A 117 -0.27 -20.30 12.43
N ALA A 118 0.57 -19.66 11.56
CA ALA A 118 0.42 -18.27 11.12
C ALA A 118 -0.87 -18.07 10.32
N VAL A 119 -1.20 -19.06 9.46
CA VAL A 119 -2.38 -19.07 8.60
C VAL A 119 -3.65 -19.13 9.49
N ALA A 120 -3.63 -20.04 10.50
CA ALA A 120 -4.68 -20.23 11.49
C ALA A 120 -4.98 -18.97 12.33
N ARG A 121 -3.96 -18.12 12.59
CA ARG A 121 -4.10 -16.86 13.35
C ARG A 121 -4.59 -15.70 12.47
N LEU A 122 -4.13 -15.68 11.19
CA LEU A 122 -4.48 -14.74 10.12
C LEU A 122 -5.97 -14.90 9.77
N ARG A 123 -6.49 -16.10 9.98
CA ARG A 123 -7.85 -16.55 9.77
C ARG A 123 -8.89 -15.92 10.70
N GLN A 124 -8.45 -15.44 11.88
CA GLN A 124 -9.36 -14.81 12.86
C GLN A 124 -9.68 -13.38 12.45
N ALA A 125 -8.93 -12.84 11.47
CA ALA A 125 -9.12 -11.50 10.93
C ALA A 125 -10.25 -11.50 9.91
N ASP A 126 -10.98 -10.38 9.82
CA ASP A 126 -12.06 -10.26 8.84
C ASP A 126 -11.48 -9.84 7.50
N ASP A 127 -12.27 -10.01 6.41
CA ASP A 127 -11.89 -9.66 5.04
C ASP A 127 -11.44 -8.21 4.90
N GLU A 128 -12.01 -7.29 5.69
CA GLU A 128 -11.66 -5.87 5.71
C GLU A 128 -10.17 -5.66 6.09
N ASP A 129 -9.69 -6.38 7.13
CA ASP A 129 -8.30 -6.34 7.57
C ASP A 129 -7.42 -7.15 6.60
N LEU A 130 -7.89 -8.35 6.21
CA LEU A 130 -7.21 -9.26 5.30
C LEU A 130 -6.81 -8.57 3.99
N LEU A 131 -7.73 -7.79 3.38
CA LEU A 131 -7.51 -7.04 2.13
C LEU A 131 -6.35 -6.05 2.27
N MET A 132 -6.22 -5.43 3.47
CA MET A 132 -5.16 -4.47 3.81
CA MET A 132 -5.15 -4.47 3.73
C MET A 132 -3.78 -5.16 3.77
N TYR A 133 -3.75 -6.50 3.95
CA TYR A 133 -2.52 -7.29 3.98
C TYR A 133 -2.32 -8.12 2.72
N LEU A 134 -3.36 -8.27 1.89
CA LEU A 134 -3.32 -9.13 0.69
C LEU A 134 -2.10 -8.94 -0.22
N LEU A 135 -1.68 -7.69 -0.49
CA LEU A 135 -0.51 -7.42 -1.34
C LEU A 135 0.75 -8.12 -0.82
N GLN A 136 0.97 -8.07 0.50
CA GLN A 136 2.13 -8.68 1.15
C GLN A 136 2.02 -10.20 1.24
N LEU A 137 0.81 -10.73 1.42
CA LEU A 137 0.58 -12.16 1.51
C LEU A 137 0.84 -12.87 0.15
N VAL A 138 0.60 -12.16 -0.97
CA VAL A 138 0.87 -12.67 -2.32
C VAL A 138 2.39 -12.75 -2.53
N GLN A 139 3.13 -11.80 -1.92
CA GLN A 139 4.58 -11.81 -1.92
C GLN A 139 5.08 -12.98 -1.05
N ALA A 140 4.52 -13.11 0.17
CA ALA A 140 4.82 -14.14 1.15
C ALA A 140 4.65 -15.58 0.63
N LEU A 141 4.08 -15.77 -0.56
CA LEU A 141 3.90 -17.08 -1.17
C LEU A 141 5.25 -17.65 -1.67
N LYS A 142 6.23 -16.76 -1.93
CA LYS A 142 7.53 -17.24 -2.40
C LYS A 142 8.37 -17.86 -1.24
N TYR A 143 7.83 -17.77 0.01
CA TYR A 143 8.42 -18.36 1.21
C TYR A 143 7.68 -19.64 1.63
N GLU A 144 6.74 -20.08 0.78
CA GLU A 144 5.91 -21.27 0.99
C GLU A 144 6.49 -22.47 0.27
N ASN A 145 5.98 -23.67 0.62
CA ASN A 145 6.38 -24.92 -0.02
C ASN A 145 5.80 -24.95 -1.43
N PHE A 146 6.69 -24.83 -2.44
CA PHE A 146 6.33 -24.81 -3.86
C PHE A 146 5.76 -26.13 -4.33
N ASP A 147 6.21 -27.25 -3.73
CA ASP A 147 5.74 -28.58 -4.10
C ASP A 147 4.31 -28.84 -3.63
N ASP A 148 3.97 -28.36 -2.42
CA ASP A 148 2.61 -28.44 -1.87
C ASP A 148 1.60 -27.69 -2.76
N ILE A 149 2.01 -26.52 -3.32
CA ILE A 149 1.21 -25.70 -4.23
C ILE A 149 0.91 -26.46 -5.53
N LYS A 150 1.94 -27.08 -6.12
CA LYS A 150 1.84 -27.86 -7.37
C LYS A 150 1.00 -29.13 -7.18
N ASN A 151 1.16 -29.82 -6.04
CA ASN A 151 0.48 -31.10 -5.78
C ASN A 151 -1.00 -30.95 -5.44
N GLY A 152 -1.45 -29.74 -5.09
CA GLY A 152 -2.84 -29.43 -4.83
C GLY A 152 -3.68 -29.41 -6.09
N LEU A 153 -3.02 -29.46 -7.27
CA LEU A 153 -3.63 -29.47 -8.60
C LEU A 153 -4.13 -30.86 -9.01
N GLU A 154 -5.33 -30.91 -9.61
CA GLU A 154 -5.94 -32.14 -10.10
C GLU A 154 -5.22 -32.62 -11.37
N PRO A 155 -4.94 -33.94 -11.50
CA PRO A 155 -4.21 -34.43 -12.70
C PRO A 155 -4.99 -34.31 -14.00
N LEU A 209 -9.41 -26.34 7.50
CA LEU A 209 -8.82 -27.17 8.55
C LEU A 209 -7.37 -27.54 8.20
N GLU A 210 -6.42 -26.75 8.75
CA GLU A 210 -4.96 -26.84 8.53
C GLU A 210 -4.61 -26.69 7.04
N GLN A 211 -4.64 -25.43 6.57
CA GLN A 211 -4.34 -25.03 5.18
C GLN A 211 -3.01 -24.29 5.15
N ASP A 212 -2.37 -24.22 3.96
CA ASP A 212 -1.16 -23.41 3.77
C ASP A 212 -1.64 -22.01 3.28
N LEU A 213 -0.73 -21.05 3.05
CA LEU A 213 -1.11 -19.70 2.60
C LEU A 213 -1.91 -19.70 1.30
N CYS A 214 -1.49 -20.51 0.31
CA CYS A 214 -2.15 -20.64 -0.98
C CYS A 214 -3.62 -21.10 -0.82
N THR A 215 -3.84 -22.20 -0.06
CA THR A 215 -5.15 -22.78 0.16
C THR A 215 -6.07 -21.81 0.89
N PHE A 216 -5.53 -21.08 1.89
CA PHE A 216 -6.27 -20.10 2.68
C PHE A 216 -6.75 -18.92 1.84
N LEU A 217 -5.85 -18.33 1.03
CA LEU A 217 -6.14 -17.18 0.18
C LEU A 217 -7.22 -17.51 -0.83
N ILE A 218 -7.14 -18.70 -1.47
CA ILE A 218 -8.15 -19.16 -2.42
C ILE A 218 -9.48 -19.40 -1.71
N SER A 219 -9.43 -20.06 -0.53
CA SER A 219 -10.62 -20.35 0.29
C SER A 219 -11.42 -19.04 0.54
N ARG A 220 -10.74 -18.00 1.01
CA ARG A 220 -11.32 -16.70 1.31
C ARG A 220 -11.76 -15.93 0.04
N ALA A 221 -11.05 -16.14 -1.08
CA ALA A 221 -11.36 -15.50 -2.36
C ALA A 221 -12.69 -16.01 -2.92
N CYS A 222 -13.00 -17.31 -2.72
CA CYS A 222 -14.23 -17.96 -3.20
C CYS A 222 -15.48 -17.41 -2.48
N LYS A 223 -15.31 -16.93 -1.24
CA LYS A 223 -16.37 -16.36 -0.40
C LYS A 223 -16.49 -14.83 -0.52
N ASN A 224 -15.54 -14.14 -1.21
CA ASN A 224 -15.54 -12.67 -1.35
C ASN A 224 -14.98 -12.23 -2.69
N SER A 225 -15.84 -11.64 -3.54
CA SER A 225 -15.58 -11.13 -4.89
C SER A 225 -14.49 -10.06 -4.96
N THR A 226 -14.42 -9.20 -3.93
CA THR A 226 -13.46 -8.10 -3.81
C THR A 226 -12.08 -8.73 -3.60
N LEU A 227 -11.98 -9.68 -2.64
CA LEU A 227 -10.79 -10.43 -2.29
C LEU A 227 -10.28 -11.23 -3.50
N ALA A 228 -11.19 -11.86 -4.25
CA ALA A 228 -10.86 -12.65 -5.43
C ALA A 228 -10.36 -11.80 -6.58
N ASN A 229 -10.87 -10.57 -6.70
CA ASN A 229 -10.46 -9.67 -7.77
C ASN A 229 -9.00 -9.24 -7.59
N TYR A 230 -8.62 -8.81 -6.36
CA TYR A 230 -7.25 -8.42 -6.05
C TYR A 230 -6.29 -9.63 -6.04
N LEU A 231 -6.76 -10.80 -5.58
CA LEU A 231 -5.96 -12.01 -5.64
C LEU A 231 -5.61 -12.32 -7.10
N TYR A 232 -6.59 -12.14 -8.02
CA TYR A 232 -6.37 -12.39 -9.44
C TYR A 232 -5.26 -11.49 -10.01
N TRP A 233 -5.39 -10.16 -9.82
CA TRP A 233 -4.47 -9.18 -10.37
C TRP A 233 -3.08 -9.19 -9.71
N TYR A 234 -3.03 -9.33 -8.38
CA TYR A 234 -1.76 -9.40 -7.65
C TYR A 234 -0.92 -10.63 -8.09
N VAL A 235 -1.58 -11.79 -8.32
CA VAL A 235 -0.92 -13.00 -8.80
C VAL A 235 -0.58 -12.92 -10.30
N ILE A 236 -1.50 -12.44 -11.17
CA ILE A 236 -1.25 -12.37 -12.62
C ILE A 236 0.00 -11.53 -12.93
N VAL A 237 0.18 -10.37 -12.24
CA VAL A 237 1.33 -9.49 -12.42
C VAL A 237 2.64 -10.24 -12.04
N GLU A 238 2.60 -11.09 -10.99
CA GLU A 238 3.75 -11.89 -10.59
C GLU A 238 4.08 -12.99 -11.64
N CYS A 239 3.05 -13.54 -12.33
CA CYS A 239 3.19 -14.54 -13.39
C CYS A 239 3.84 -13.86 -14.60
N GLU A 240 3.32 -12.69 -14.96
CA GLU A 240 3.75 -11.87 -16.08
C GLU A 240 5.21 -11.38 -15.90
N ASP A 241 5.66 -11.19 -14.64
CA ASP A 241 7.00 -10.70 -14.28
C ASP A 241 8.11 -11.47 -14.97
N GLN A 242 8.76 -10.82 -15.96
CA GLN A 242 9.86 -11.37 -16.76
C GLN A 242 11.18 -11.42 -16.01
N ASP A 243 11.42 -10.45 -15.11
CA ASP A 243 12.62 -10.44 -14.26
C ASP A 243 12.60 -11.69 -13.37
N THR A 244 11.43 -12.03 -12.76
CA THR A 244 11.25 -13.22 -11.93
C THR A 244 11.41 -14.49 -12.77
N GLN A 245 10.91 -14.45 -14.01
CA GLN A 245 10.93 -15.56 -14.98
C GLN A 245 12.37 -16.03 -15.28
N GLN A 246 13.29 -15.08 -15.55
CA GLN A 246 14.70 -15.37 -15.86
C GLN A 246 15.60 -15.53 -14.60
N ARG A 247 15.52 -14.62 -13.61
CA ARG A 247 16.35 -14.64 -12.39
C ARG A 247 15.95 -15.69 -11.37
N ASP A 248 14.70 -16.21 -11.44
CA ASP A 248 14.20 -17.25 -10.51
C ASP A 248 13.05 -18.07 -11.12
N PRO A 249 13.32 -19.00 -12.07
CA PRO A 249 12.23 -19.78 -12.70
C PRO A 249 11.36 -20.61 -11.75
N LYS A 250 11.91 -21.03 -10.61
CA LYS A 250 11.16 -21.80 -9.61
C LYS A 250 9.99 -20.96 -9.06
N THR A 251 10.24 -19.68 -8.70
CA THR A 251 9.24 -18.74 -8.19
C THR A 251 8.16 -18.44 -9.24
N HIS A 252 8.57 -18.17 -10.50
CA HIS A 252 7.67 -17.91 -11.62
C HIS A 252 6.67 -19.06 -11.82
N GLU A 253 7.16 -20.31 -11.76
CA GLU A 253 6.34 -21.51 -11.92
C GLU A 253 5.36 -21.69 -10.78
N MET A 254 5.79 -21.34 -9.55
CA MET A 254 4.95 -21.41 -8.34
C MET A 254 3.72 -20.48 -8.55
N TYR A 255 3.95 -19.24 -9.03
CA TYR A 255 2.87 -18.29 -9.27
C TYR A 255 1.91 -18.76 -10.36
N LEU A 256 2.43 -19.44 -11.41
CA LEU A 256 1.56 -20.00 -12.45
C LEU A 256 0.69 -21.10 -11.84
N ASN A 257 1.24 -21.83 -10.86
CA ASN A 257 0.53 -22.90 -10.16
C ASN A 257 -0.52 -22.33 -9.22
N VAL A 258 -0.22 -21.19 -8.55
CA VAL A 258 -1.14 -20.45 -7.68
C VAL A 258 -2.34 -20.01 -8.54
N MET A 259 -2.07 -19.46 -9.74
CA MET A 259 -3.10 -19.06 -10.69
C MET A 259 -3.93 -20.28 -11.13
N ARG A 260 -3.27 -21.40 -11.48
CA ARG A 260 -3.93 -22.66 -11.90
C ARG A 260 -4.81 -23.21 -10.78
N ARG A 261 -4.34 -23.14 -9.53
CA ARG A 261 -5.04 -23.61 -8.33
C ARG A 261 -6.32 -22.82 -8.09
N PHE A 262 -6.23 -21.48 -8.23
CA PHE A 262 -7.33 -20.51 -8.08
C PHE A 262 -8.38 -20.79 -9.14
N SER A 263 -7.95 -20.91 -10.41
CA SER A 263 -8.83 -21.20 -11.54
C SER A 263 -9.57 -22.53 -11.35
N GLN A 264 -8.87 -23.50 -10.75
CA GLN A 264 -9.38 -24.83 -10.49
C GLN A 264 -10.44 -24.76 -9.39
N ALA A 265 -10.13 -24.08 -8.27
CA ALA A 265 -11.05 -23.92 -7.16
C ALA A 265 -12.35 -23.24 -7.58
N LEU A 266 -12.28 -22.23 -8.48
CA LEU A 266 -13.43 -21.49 -8.98
C LEU A 266 -14.35 -22.37 -9.80
N LEU A 267 -13.77 -23.22 -10.68
CA LEU A 267 -14.53 -24.14 -11.54
C LEU A 267 -15.19 -25.30 -10.76
N LYS A 268 -14.66 -25.59 -9.56
CA LYS A 268 -15.12 -26.65 -8.66
C LYS A 268 -16.15 -26.13 -7.63
N GLY A 269 -16.28 -24.81 -7.51
CA GLY A 269 -17.21 -24.18 -6.58
C GLY A 269 -18.67 -24.16 -7.01
N ASP A 270 -19.48 -23.41 -6.23
CA ASP A 270 -20.92 -23.18 -6.39
C ASP A 270 -21.24 -22.38 -7.67
N LYS A 271 -22.54 -22.08 -7.90
CA LYS A 271 -22.99 -21.30 -9.07
C LYS A 271 -22.43 -19.88 -8.99
N SER A 272 -22.42 -19.29 -7.77
CA SER A 272 -21.87 -17.95 -7.52
C SER A 272 -20.35 -17.92 -7.75
N VAL A 273 -19.64 -18.97 -7.25
CA VAL A 273 -18.18 -19.15 -7.34
C VAL A 273 -17.71 -19.27 -8.79
N ARG A 274 -18.42 -20.08 -9.61
CA ARG A 274 -18.08 -20.31 -11.02
C ARG A 274 -18.29 -19.06 -11.92
N VAL A 275 -19.29 -18.17 -11.62
CA VAL A 275 -19.48 -16.95 -12.42
C VAL A 275 -18.34 -15.96 -12.18
N MET A 276 -17.81 -15.92 -10.94
CA MET A 276 -16.66 -15.09 -10.56
C MET A 276 -15.51 -15.26 -11.55
N ARG A 277 -15.25 -16.51 -11.96
CA ARG A 277 -14.19 -16.88 -12.89
C ARG A 277 -14.37 -16.30 -14.29
N SER A 278 -15.62 -16.13 -14.74
CA SER A 278 -15.86 -15.58 -16.08
C SER A 278 -15.79 -14.05 -16.02
N LEU A 279 -16.09 -13.48 -14.84
CA LEU A 279 -16.01 -12.04 -14.59
C LEU A 279 -14.54 -11.60 -14.63
N LEU A 280 -13.64 -12.41 -14.02
CA LEU A 280 -12.20 -12.16 -14.03
C LEU A 280 -11.68 -12.25 -15.46
N ALA A 281 -12.22 -13.19 -16.24
CA ALA A 281 -11.83 -13.41 -17.63
C ALA A 281 -12.23 -12.23 -18.51
N ALA A 282 -13.43 -11.70 -18.26
CA ALA A 282 -14.00 -10.57 -18.99
C ALA A 282 -13.16 -9.29 -18.76
N GLN A 283 -12.77 -9.04 -17.48
CA GLN A 283 -11.91 -7.94 -17.04
C GLN A 283 -10.54 -8.04 -17.70
N GLN A 284 -9.98 -9.28 -17.77
CA GLN A 284 -8.69 -9.52 -18.41
C GLN A 284 -8.71 -9.11 -19.87
N THR A 285 -9.75 -9.52 -20.63
CA THR A 285 -9.91 -9.20 -22.06
C THR A 285 -10.19 -7.71 -22.27
N PHE A 286 -10.93 -7.08 -21.33
CA PHE A 286 -11.21 -5.66 -21.40
C PHE A 286 -9.88 -4.86 -21.30
N VAL A 287 -9.00 -5.28 -20.35
CA VAL A 287 -7.69 -4.69 -20.12
C VAL A 287 -6.83 -4.93 -21.38
N ASP A 288 -6.82 -6.16 -21.91
CA ASP A 288 -6.06 -6.52 -23.12
C ASP A 288 -6.43 -5.61 -24.30
N ARG A 289 -7.75 -5.36 -24.51
CA ARG A 289 -8.30 -4.49 -25.55
C ARG A 289 -7.93 -3.01 -25.31
N LEU A 290 -8.01 -2.55 -24.04
CA LEU A 290 -7.63 -1.19 -23.61
C LEU A 290 -6.14 -0.95 -23.90
N VAL A 291 -5.28 -1.97 -23.70
CA VAL A 291 -3.83 -1.90 -23.97
C VAL A 291 -3.61 -1.66 -25.46
N HIS A 292 -4.30 -2.47 -26.28
CA HIS A 292 -4.28 -2.43 -27.74
C HIS A 292 -4.79 -1.08 -28.24
N LEU A 293 -5.85 -0.52 -27.62
CA LEU A 293 -6.38 0.79 -27.97
C LEU A 293 -5.30 1.87 -27.80
N MET A 294 -4.55 1.83 -26.66
CA MET A 294 -3.45 2.78 -26.38
C MET A 294 -2.40 2.75 -27.48
N LYS A 295 -1.99 1.53 -27.90
CA LYS A 295 -0.99 1.36 -28.96
C LYS A 295 -1.51 1.86 -30.32
N ALA A 296 -2.81 1.66 -30.60
CA ALA A 296 -3.46 2.10 -31.83
C ALA A 296 -3.51 3.64 -31.94
N VAL A 297 -3.66 4.33 -30.79
CA VAL A 297 -3.69 5.80 -30.73
C VAL A 297 -2.31 6.37 -31.07
N GLN A 298 -1.24 5.66 -30.71
CA GLN A 298 0.13 6.09 -31.00
C GLN A 298 0.50 5.86 -32.48
N ARG A 299 -0.39 5.19 -33.26
CA ARG A 299 -0.22 4.95 -34.71
C ARG A 299 -0.48 6.29 -35.43
N GLU A 300 -1.33 7.15 -34.81
CA GLU A 300 -1.66 8.52 -35.25
C GLU A 300 -0.40 9.37 -34.96
N SER A 301 0.26 9.79 -36.06
CA SER A 301 1.51 10.57 -36.08
C SER A 301 1.36 12.01 -35.58
N GLY A 302 0.15 12.58 -35.72
CA GLY A 302 -0.18 13.95 -35.34
C GLY A 302 0.00 14.34 -33.88
N ASN A 303 -0.35 15.61 -33.59
CA ASN A 303 -0.25 16.22 -32.27
C ASN A 303 -1.21 15.61 -31.27
N ARG A 304 -1.16 16.07 -29.99
CA ARG A 304 -2.04 15.58 -28.94
C ARG A 304 -3.51 15.73 -29.30
N LYS A 305 -3.92 16.85 -29.93
CA LYS A 305 -5.31 17.09 -30.36
C LYS A 305 -5.77 15.98 -31.33
N LYS A 306 -4.91 15.61 -32.31
CA LYS A 306 -5.15 14.56 -33.29
C LYS A 306 -5.14 13.17 -32.63
N LYS A 307 -4.27 12.99 -31.62
CA LYS A 307 -4.15 11.74 -30.85
C LYS A 307 -5.40 11.54 -30.00
N ASN A 308 -5.95 12.64 -29.48
CA ASN A 308 -7.15 12.63 -28.64
C ASN A 308 -8.37 12.27 -29.45
N GLU A 309 -8.47 12.83 -30.67
CA GLU A 309 -9.55 12.58 -31.61
C GLU A 309 -9.48 11.12 -32.02
N ARG A 310 -8.26 10.60 -32.22
CA ARG A 310 -8.01 9.19 -32.57
C ARG A 310 -8.50 8.26 -31.44
N LEU A 311 -8.22 8.64 -30.17
CA LEU A 311 -8.63 7.90 -28.97
C LEU A 311 -10.16 7.86 -28.88
N GLN A 312 -10.81 9.02 -29.05
CA GLN A 312 -12.26 9.18 -29.01
C GLN A 312 -12.97 8.43 -30.15
N ALA A 313 -12.35 8.40 -31.34
CA ALA A 313 -12.89 7.70 -32.51
C ALA A 313 -12.97 6.21 -32.18
N LEU A 314 -11.80 5.56 -31.96
CA LEU A 314 -11.66 4.15 -31.61
C LEU A 314 -12.54 3.73 -30.41
N LEU A 315 -12.73 4.63 -29.42
CA LEU A 315 -13.55 4.35 -28.24
C LEU A 315 -15.04 4.32 -28.52
N GLY A 316 -15.46 4.99 -29.59
CA GLY A 316 -16.85 5.06 -30.04
C GLY A 316 -17.27 3.84 -30.83
N ASP A 317 -16.29 3.21 -31.51
CA ASP A 317 -16.50 2.03 -32.32
C ASP A 317 -16.54 0.78 -31.45
N ASN A 318 -17.74 0.46 -30.90
CA ASN A 318 -17.93 -0.71 -30.05
C ASN A 318 -17.87 -2.04 -30.80
N GLU A 319 -18.02 -2.03 -32.14
CA GLU A 319 -17.91 -3.26 -32.92
C GLU A 319 -16.45 -3.72 -32.95
N LYS A 320 -15.54 -2.77 -33.22
CA LYS A 320 -14.09 -2.98 -33.32
C LYS A 320 -13.40 -3.14 -31.97
N MET A 321 -13.47 -2.09 -31.12
CA MET A 321 -12.78 -2.03 -29.81
C MET A 321 -13.54 -2.67 -28.65
N ASN A 322 -14.89 -2.63 -28.65
CA ASN A 322 -15.76 -3.20 -27.62
C ASN A 322 -15.38 -2.67 -26.20
N LEU A 323 -15.26 -1.35 -26.08
CA LEU A 323 -14.91 -0.70 -24.81
C LEU A 323 -15.92 0.32 -24.36
N SER A 324 -16.85 0.77 -25.25
CA SER A 324 -17.91 1.73 -24.88
C SER A 324 -19.11 1.03 -24.27
N ASP A 325 -19.33 -0.23 -24.69
CA ASP A 325 -20.41 -1.12 -24.25
C ASP A 325 -19.96 -2.56 -23.95
N VAL A 326 -20.06 -2.94 -22.67
CA VAL A 326 -19.70 -4.26 -22.15
C VAL A 326 -20.72 -4.65 -21.09
N GLU A 327 -20.87 -5.97 -20.87
CA GLU A 327 -21.72 -6.52 -19.80
C GLU A 327 -21.05 -6.07 -18.49
N LEU A 328 -21.85 -5.71 -17.50
CA LEU A 328 -21.41 -5.15 -16.23
C LEU A 328 -20.36 -6.00 -15.48
N ILE A 329 -19.08 -5.72 -15.80
CA ILE A 329 -17.91 -6.37 -15.21
C ILE A 329 -17.39 -5.49 -14.10
N PRO A 330 -16.75 -6.03 -13.05
CA PRO A 330 -16.22 -5.14 -11.99
C PRO A 330 -15.01 -4.33 -12.51
N LEU A 331 -14.86 -3.09 -12.03
CA LEU A 331 -13.73 -2.25 -12.40
C LEU A 331 -12.49 -2.80 -11.66
N PRO A 332 -11.45 -3.29 -12.38
CA PRO A 332 -10.29 -3.88 -11.67
C PRO A 332 -9.75 -3.02 -10.52
N LEU A 333 -9.75 -1.68 -10.72
CA LEU A 333 -9.28 -0.64 -9.79
C LEU A 333 -10.06 -0.59 -8.47
N GLU A 334 -11.37 -0.84 -8.53
CA GLU A 334 -12.28 -0.86 -7.38
C GLU A 334 -13.41 -1.82 -7.76
N PRO A 335 -13.24 -3.13 -7.45
CA PRO A 335 -14.20 -4.14 -7.94
C PRO A 335 -15.65 -3.96 -7.46
N GLN A 336 -15.87 -3.23 -6.34
CA GLN A 336 -17.24 -2.95 -5.87
C GLN A 336 -18.01 -2.05 -6.89
N VAL A 337 -17.28 -1.42 -7.83
CA VAL A 337 -17.84 -0.58 -8.87
C VAL A 337 -17.92 -1.40 -10.14
N LYS A 338 -19.15 -1.62 -10.65
CA LYS A 338 -19.38 -2.39 -11.89
C LYS A 338 -19.52 -1.38 -13.02
N ILE A 339 -18.97 -1.68 -14.21
CA ILE A 339 -18.95 -0.70 -15.29
C ILE A 339 -19.57 -1.23 -16.61
N ARG A 340 -20.14 -0.30 -17.43
CA ARG A 340 -20.80 -0.51 -18.73
C ARG A 340 -19.85 -0.27 -19.89
N GLY A 341 -18.79 0.51 -19.64
CA GLY A 341 -17.79 0.85 -20.64
C GLY A 341 -17.16 2.18 -20.37
N ILE A 342 -16.34 2.64 -21.30
CA ILE A 342 -15.65 3.94 -21.21
C ILE A 342 -16.41 4.92 -22.09
N ILE A 343 -16.76 6.11 -21.55
CA ILE A 343 -17.38 7.20 -22.34
C ILE A 343 -16.35 7.62 -23.42
N PRO A 344 -16.66 7.50 -24.71
CA PRO A 344 -15.64 7.79 -25.73
C PRO A 344 -15.25 9.25 -25.91
N GLU A 345 -16.21 10.18 -25.81
CA GLU A 345 -15.97 11.59 -26.08
C GLU A 345 -15.13 12.30 -25.02
N THR A 346 -15.31 12.01 -23.72
CA THR A 346 -14.54 12.67 -22.66
C THR A 346 -13.12 12.05 -22.41
N ALA A 347 -12.66 11.17 -23.31
CA ALA A 347 -11.38 10.47 -23.17
C ALA A 347 -10.22 11.21 -23.82
N THR A 348 -9.20 11.57 -23.03
CA THR A 348 -8.02 12.29 -23.53
C THR A 348 -6.73 11.75 -22.97
N LEU A 349 -5.61 12.13 -23.59
CA LEU A 349 -4.25 11.78 -23.16
C LEU A 349 -3.66 12.94 -22.35
N PHE A 350 -2.92 12.63 -21.29
CA PHE A 350 -2.26 13.66 -20.49
C PHE A 350 -1.01 14.17 -21.21
N LYS A 351 -0.65 15.43 -20.98
CA LYS A 351 0.55 16.06 -21.54
C LYS A 351 1.69 15.60 -20.61
N SER A 352 2.38 14.53 -21.02
CA SER A 352 3.47 13.83 -20.33
C SER A 352 4.21 12.99 -21.40
N ALA A 353 5.39 12.42 -21.08
CA ALA A 353 6.20 11.65 -22.04
C ALA A 353 5.55 10.34 -22.41
N LEU A 354 5.01 9.62 -21.42
CA LEU A 354 4.39 8.32 -21.65
C LEU A 354 2.94 8.43 -22.14
N MET A 355 2.37 9.64 -22.08
CA MET A 355 1.01 9.99 -22.48
C MET A 355 -0.04 9.04 -21.89
N PRO A 356 -0.21 9.03 -20.54
CA PRO A 356 -1.27 8.20 -19.96
C PRO A 356 -2.67 8.73 -20.34
N ALA A 357 -3.70 7.87 -20.28
CA ALA A 357 -5.05 8.32 -20.66
C ALA A 357 -5.95 8.61 -19.49
N GLN A 358 -6.76 9.67 -19.64
CA GLN A 358 -7.80 10.00 -18.68
C GLN A 358 -9.08 9.42 -19.28
N LEU A 359 -9.68 8.45 -18.57
CA LEU A 359 -10.86 7.70 -19.05
C LEU A 359 -11.96 7.71 -18.04
N PHE A 360 -13.16 8.11 -18.48
CA PHE A 360 -14.35 8.12 -17.62
C PHE A 360 -15.14 6.83 -17.85
N PHE A 361 -15.27 6.03 -16.80
CA PHE A 361 -16.00 4.77 -16.83
C PHE A 361 -17.48 5.02 -16.50
N LYS A 362 -18.41 4.51 -17.36
CA LYS A 362 -19.87 4.55 -17.15
C LYS A 362 -20.14 3.47 -16.12
N THR A 363 -20.65 3.83 -14.95
CA THR A 363 -20.97 2.81 -13.96
C THR A 363 -22.38 2.23 -14.22
N GLU A 364 -22.73 1.12 -13.55
CA GLU A 364 -24.04 0.47 -13.71
C GLU A 364 -25.26 1.41 -13.48
N ASP A 365 -25.12 2.34 -12.51
CA ASP A 365 -26.13 3.31 -12.12
C ASP A 365 -25.99 4.67 -12.83
N GLY A 366 -25.48 4.66 -14.07
CA GLY A 366 -25.31 5.85 -14.89
C GLY A 366 -24.28 6.88 -14.45
N GLY A 367 -23.50 6.55 -13.43
CA GLY A 367 -22.44 7.41 -12.89
C GLY A 367 -21.16 7.39 -13.68
N LYS A 368 -20.18 8.20 -13.24
CA LYS A 368 -18.87 8.31 -13.89
C LYS A 368 -17.75 8.00 -12.90
N TYR A 369 -16.75 7.25 -13.38
CA TYR A 369 -15.58 6.96 -12.56
C TYR A 369 -14.34 7.35 -13.36
N PRO A 370 -13.69 8.49 -13.02
CA PRO A 370 -12.44 8.85 -13.74
C PRO A 370 -11.24 8.02 -13.27
N VAL A 371 -10.51 7.48 -14.24
CA VAL A 371 -9.30 6.71 -14.02
C VAL A 371 -8.14 7.27 -14.88
N ILE A 372 -6.92 6.95 -14.48
CA ILE A 372 -5.73 7.22 -15.27
C ILE A 372 -5.31 5.82 -15.71
N PHE A 373 -5.15 5.60 -17.04
CA PHE A 373 -4.62 4.34 -17.51
C PHE A 373 -3.22 4.61 -18.05
N LYS A 374 -2.21 4.03 -17.37
CA LYS A 374 -0.80 4.19 -17.69
C LYS A 374 -0.23 2.96 -18.37
N HIS A 375 0.33 3.16 -19.58
CA HIS A 375 1.02 2.10 -20.33
CA HIS A 375 0.99 2.13 -20.39
C HIS A 375 2.47 2.51 -20.53
N GLY A 376 3.35 1.54 -20.35
CA GLY A 376 4.80 1.74 -20.45
C GLY A 376 5.46 2.12 -19.13
N ASP A 377 4.92 1.64 -17.98
CA ASP A 377 5.44 1.92 -16.64
C ASP A 377 5.04 0.83 -15.64
N ASP A 378 5.87 0.60 -14.60
CA ASP A 378 5.63 -0.40 -13.57
C ASP A 378 5.07 0.29 -12.34
N LEU A 379 3.74 0.20 -12.13
CA LEU A 379 3.04 0.87 -11.02
C LEU A 379 3.19 0.17 -9.66
N ARG A 380 3.86 -0.98 -9.60
CA ARG A 380 3.99 -1.77 -8.37
C ARG A 380 4.60 -1.01 -7.18
N GLN A 381 5.51 -0.04 -7.39
CA GLN A 381 6.03 0.73 -6.27
C GLN A 381 4.97 1.72 -5.77
N ASP A 382 4.29 2.44 -6.69
CA ASP A 382 3.17 3.35 -6.33
C ASP A 382 1.99 2.57 -5.70
N GLN A 383 1.72 1.34 -6.17
CA GLN A 383 0.68 0.44 -5.68
C GLN A 383 0.97 0.09 -4.23
N LEU A 384 2.26 -0.16 -3.89
CA LEU A 384 2.66 -0.49 -2.52
C LEU A 384 2.50 0.73 -1.60
N ILE A 385 3.02 1.89 -2.00
CA ILE A 385 2.96 3.10 -1.18
C ILE A 385 1.51 3.51 -0.92
N LEU A 386 0.65 3.47 -1.94
CA LEU A 386 -0.76 3.84 -1.79
C LEU A 386 -1.52 2.87 -0.92
N GLN A 387 -1.12 1.59 -0.91
CA GLN A 387 -1.68 0.55 -0.04
C GLN A 387 -1.25 0.79 1.45
N ILE A 388 -0.03 1.27 1.67
CA ILE A 388 0.48 1.63 2.99
C ILE A 388 -0.21 2.92 3.48
N ILE A 389 -0.39 3.91 2.60
CA ILE A 389 -1.07 5.18 2.93
C ILE A 389 -2.53 4.89 3.34
N SER A 390 -3.19 3.95 2.62
CA SER A 390 -4.55 3.48 2.88
C SER A 390 -4.65 2.87 4.30
N LEU A 391 -3.71 1.96 4.63
CA LEU A 391 -3.59 1.32 5.93
C LEU A 391 -3.36 2.37 7.02
N MET A 392 -2.43 3.32 6.80
CA MET A 392 -2.15 4.36 7.78
C MET A 392 -3.37 5.25 8.00
N ASP A 393 -4.14 5.53 6.94
CA ASP A 393 -5.37 6.32 7.01
C ASP A 393 -6.44 5.56 7.82
N LYS A 394 -6.60 4.24 7.58
CA LYS A 394 -7.55 3.38 8.28
C LYS A 394 -7.21 3.28 9.77
N LEU A 395 -5.92 3.09 10.10
CA LEU A 395 -5.42 3.00 11.47
C LEU A 395 -5.67 4.29 12.22
N LEU A 396 -5.46 5.44 11.57
CA LEU A 396 -5.67 6.75 12.16
C LEU A 396 -7.16 7.03 12.39
N ARG A 397 -8.01 6.64 11.41
CA ARG A 397 -9.46 6.80 11.48
C ARG A 397 -10.01 5.94 12.63
N LYS A 398 -9.43 4.73 12.82
CA LYS A 398 -9.74 3.79 13.89
C LYS A 398 -9.49 4.42 15.26
N GLU A 399 -8.47 5.32 15.38
CA GLU A 399 -8.09 6.04 16.60
C GLU A 399 -8.82 7.40 16.66
N ASN A 400 -9.97 7.50 15.97
CA ASN A 400 -10.83 8.69 15.88
C ASN A 400 -10.06 9.95 15.39
N LEU A 401 -9.25 9.78 14.32
CA LEU A 401 -8.44 10.85 13.73
C LEU A 401 -8.52 10.78 12.18
N ASP A 402 -9.38 11.62 11.59
CA ASP A 402 -9.61 11.75 10.14
C ASP A 402 -8.76 12.93 9.67
N LEU A 403 -7.57 12.64 9.10
CA LEU A 403 -6.69 13.73 8.67
C LEU A 403 -6.93 14.18 7.24
N LYS A 404 -8.10 13.84 6.67
CA LYS A 404 -8.54 14.21 5.33
C LYS A 404 -7.49 13.86 4.26
N LEU A 405 -6.99 12.61 4.29
CA LEU A 405 -5.97 12.08 3.37
C LEU A 405 -6.61 11.60 2.05
N THR A 406 -5.80 11.43 0.98
CA THR A 406 -6.26 10.96 -0.31
C THR A 406 -5.57 9.63 -0.66
N PRO A 407 -6.02 8.49 -0.07
CA PRO A 407 -5.42 7.21 -0.44
C PRO A 407 -6.04 6.69 -1.73
N TYR A 408 -5.82 7.41 -2.85
CA TYR A 408 -6.33 7.03 -4.16
C TYR A 408 -5.85 5.62 -4.52
N LYS A 409 -6.71 4.86 -5.21
CA LYS A 409 -6.44 3.48 -5.60
C LYS A 409 -5.47 3.43 -6.76
N VAL A 410 -4.59 2.43 -6.75
CA VAL A 410 -3.58 2.16 -7.78
C VAL A 410 -3.61 0.64 -7.95
N LEU A 411 -3.89 0.16 -9.16
CA LEU A 411 -3.83 -1.27 -9.41
C LEU A 411 -2.97 -1.48 -10.65
N ALA A 412 -1.94 -2.33 -10.53
CA ALA A 412 -1.10 -2.65 -11.67
C ALA A 412 -1.74 -3.86 -12.35
N THR A 413 -1.94 -3.80 -13.68
CA THR A 413 -2.59 -4.88 -14.43
C THR A 413 -1.55 -5.72 -15.13
N SER A 414 -0.31 -5.24 -15.07
CA SER A 414 0.89 -5.85 -15.65
C SER A 414 2.13 -5.15 -15.02
N THR A 415 3.35 -5.57 -15.42
CA THR A 415 4.60 -4.92 -15.01
C THR A 415 4.81 -3.75 -15.99
N LYS A 416 4.02 -3.73 -17.08
CA LYS A 416 4.08 -2.70 -18.13
C LYS A 416 2.93 -1.67 -18.08
N HIS A 417 1.79 -1.96 -17.39
CA HIS A 417 0.63 -1.05 -17.34
C HIS A 417 -0.27 -1.24 -16.11
N GLY A 418 -1.18 -0.28 -15.91
CA GLY A 418 -2.11 -0.31 -14.80
C GLY A 418 -3.02 0.91 -14.70
N PHE A 419 -3.86 0.94 -13.64
CA PHE A 419 -4.82 1.99 -13.34
C PHE A 419 -4.47 2.77 -12.10
N MET A 420 -5.00 4.00 -12.03
CA MET A 420 -4.95 4.90 -10.88
C MET A 420 -6.28 5.64 -10.83
N GLN A 421 -6.83 5.78 -9.63
CA GLN A 421 -8.07 6.52 -9.43
C GLN A 421 -7.75 8.01 -9.56
N PHE A 422 -8.40 8.69 -10.51
CA PHE A 422 -8.22 10.12 -10.75
C PHE A 422 -8.88 10.96 -9.68
N ILE A 423 -8.11 11.85 -9.06
CA ILE A 423 -8.61 12.79 -8.06
C ILE A 423 -8.60 14.18 -8.70
N GLN A 424 -9.76 14.88 -8.69
CA GLN A 424 -9.86 16.23 -9.22
C GLN A 424 -9.16 17.17 -8.24
N SER A 425 -8.05 17.75 -8.71
CA SER A 425 -7.17 18.63 -7.95
C SER A 425 -6.30 19.45 -8.91
N VAL A 426 -5.57 20.43 -8.34
CA VAL A 426 -4.65 21.31 -9.07
C VAL A 426 -3.24 21.10 -8.48
N PRO A 427 -2.17 20.83 -9.29
CA PRO A 427 -0.81 20.73 -8.70
C PRO A 427 -0.44 22.05 -8.03
N VAL A 428 0.30 22.00 -6.91
CA VAL A 428 0.71 23.20 -6.14
C VAL A 428 1.52 24.19 -7.02
N ALA A 429 2.28 23.67 -8.01
CA ALA A 429 3.05 24.44 -8.99
C ALA A 429 2.12 25.30 -9.83
N GLU A 430 0.99 24.72 -10.28
CA GLU A 430 -0.03 25.43 -11.06
C GLU A 430 -0.78 26.42 -10.17
N VAL A 431 -0.89 26.10 -8.86
CA VAL A 431 -1.58 26.97 -7.90
C VAL A 431 -0.81 28.30 -7.83
N LEU A 432 0.52 28.24 -7.59
CA LEU A 432 1.40 29.42 -7.53
C LEU A 432 1.44 30.18 -8.86
N ASP A 433 1.54 29.46 -9.97
CA ASP A 433 1.59 30.08 -11.29
C ASP A 433 0.34 30.88 -11.66
N THR A 434 -0.84 30.39 -11.26
CA THR A 434 -2.15 30.98 -11.60
C THR A 434 -2.74 31.91 -10.54
N GLU A 435 -2.49 31.62 -9.25
CA GLU A 435 -3.07 32.40 -8.16
C GLU A 435 -2.01 33.08 -7.25
N GLY A 436 -0.75 32.66 -7.34
CA GLY A 436 0.35 33.26 -6.60
C GLY A 436 0.72 32.59 -5.31
N SER A 437 -0.29 32.07 -4.59
CA SER A 437 -0.11 31.35 -3.32
C SER A 437 -1.28 30.38 -3.04
N ILE A 438 -1.13 29.52 -2.01
CA ILE A 438 -2.18 28.58 -1.60
C ILE A 438 -3.35 29.38 -0.99
N GLN A 439 -3.02 30.35 -0.10
CA GLN A 439 -4.01 31.21 0.58
C GLN A 439 -4.82 32.06 -0.41
N ASN A 440 -4.19 32.50 -1.52
CA ASN A 440 -4.90 33.26 -2.57
C ASN A 440 -5.92 32.34 -3.21
N PHE A 441 -5.47 31.12 -3.62
CA PHE A 441 -6.28 30.05 -4.23
C PHE A 441 -7.47 29.75 -3.35
N PHE A 442 -7.21 29.53 -2.04
CA PHE A 442 -8.23 29.25 -1.04
C PHE A 442 -9.23 30.39 -0.92
N ARG A 443 -8.76 31.65 -0.96
CA ARG A 443 -9.60 32.86 -0.91
C ARG A 443 -10.44 32.98 -2.16
N LYS A 444 -9.92 32.55 -3.33
CA LYS A 444 -10.65 32.61 -4.58
C LYS A 444 -11.82 31.61 -4.66
N TYR A 445 -11.55 30.32 -4.40
CA TYR A 445 -12.55 29.26 -4.55
C TYR A 445 -13.34 28.94 -3.26
N ALA A 446 -12.87 29.43 -2.09
CA ALA A 446 -13.57 29.22 -0.82
C ALA A 446 -13.45 30.42 0.15
N PRO A 447 -13.98 31.62 -0.20
CA PRO A 447 -13.89 32.76 0.74
C PRO A 447 -14.85 32.70 1.92
N SER A 448 -14.50 33.40 3.02
CA SER A 448 -15.27 33.54 4.26
C SER A 448 -14.71 34.75 5.01
N GLU A 449 -15.59 35.76 5.28
CA GLU A 449 -15.19 37.00 5.97
C GLU A 449 -14.59 36.77 7.37
N ASN A 450 -15.29 36.05 8.25
CA ASN A 450 -14.83 35.77 9.62
C ASN A 450 -13.86 34.58 9.72
N GLY A 451 -13.65 33.86 8.60
CA GLY A 451 -12.74 32.73 8.52
C GLY A 451 -11.28 33.13 8.56
N PRO A 452 -10.35 32.21 8.96
CA PRO A 452 -8.91 32.59 9.03
C PRO A 452 -8.34 33.04 7.69
N ASN A 453 -7.76 34.26 7.69
CA ASN A 453 -7.16 34.97 6.55
C ASN A 453 -8.09 35.06 5.32
N GLY A 454 -9.40 35.17 5.57
CA GLY A 454 -10.43 35.28 4.54
C GLY A 454 -10.83 33.97 3.90
N ILE A 455 -10.37 32.84 4.47
CA ILE A 455 -10.63 31.49 3.98
C ILE A 455 -11.58 30.75 4.93
N SER A 456 -12.48 29.91 4.36
CA SER A 456 -13.44 29.06 5.06
C SER A 456 -12.77 28.25 6.19
N ALA A 457 -13.44 28.14 7.34
CA ALA A 457 -12.93 27.38 8.50
C ALA A 457 -12.80 25.88 8.18
N GLU A 458 -13.76 25.33 7.38
CA GLU A 458 -13.77 23.93 6.97
C GLU A 458 -12.59 23.62 6.05
N VAL A 459 -12.38 24.45 4.99
CA VAL A 459 -11.28 24.32 4.02
C VAL A 459 -9.92 24.38 4.74
N MET A 460 -9.75 25.34 5.66
CA MET A 460 -8.54 25.56 6.43
C MET A 460 -8.24 24.41 7.39
N ASP A 461 -9.29 23.85 8.04
CA ASP A 461 -9.13 22.71 8.95
C ASP A 461 -8.69 21.44 8.17
N THR A 462 -9.26 21.25 6.96
CA THR A 462 -8.94 20.16 6.03
C THR A 462 -7.45 20.25 5.63
N TYR A 463 -6.99 21.45 5.21
CA TYR A 463 -5.61 21.71 4.78
C TYR A 463 -4.59 21.48 5.89
N VAL A 464 -4.87 21.97 7.10
CA VAL A 464 -3.97 21.82 8.26
C VAL A 464 -3.83 20.32 8.60
N LYS A 465 -4.96 19.61 8.61
CA LYS A 465 -5.03 18.17 8.86
C LYS A 465 -4.26 17.33 7.81
N SER A 466 -4.55 17.56 6.49
CA SER A 466 -3.89 16.83 5.40
C SER A 466 -2.39 17.07 5.37
N CYS A 467 -1.95 18.34 5.61
CA CYS A 467 -0.53 18.71 5.65
C CYS A 467 0.16 17.90 6.71
N ALA A 468 -0.47 17.83 7.90
CA ALA A 468 0.06 17.09 9.04
C ALA A 468 0.20 15.61 8.73
N GLY A 469 -0.88 15.01 8.24
CA GLY A 469 -0.93 13.59 7.86
C GLY A 469 0.15 13.21 6.88
N TYR A 470 0.23 13.97 5.78
CA TYR A 470 1.23 13.74 4.73
C TYR A 470 2.66 14.03 5.21
N CYS A 471 2.86 15.03 6.10
N CYS A 471 2.87 15.03 6.08
CA CYS A 471 4.16 15.38 6.68
CA CYS A 471 4.21 15.33 6.62
C CYS A 471 4.76 14.19 7.45
C CYS A 471 4.78 14.17 7.44
N VAL A 472 3.92 13.51 8.25
CA VAL A 472 4.30 12.34 9.06
C VAL A 472 4.47 11.11 8.16
N ILE A 473 3.47 10.83 7.27
CA ILE A 473 3.48 9.69 6.34
C ILE A 473 4.69 9.71 5.39
N THR A 474 4.94 10.88 4.72
CA THR A 474 6.08 11.00 3.79
C THR A 474 7.41 10.86 4.53
N TYR A 475 7.46 11.35 5.79
CA TYR A 475 8.65 11.23 6.65
C TYR A 475 8.93 9.77 6.97
N ILE A 476 7.90 9.01 7.38
CA ILE A 476 8.04 7.59 7.72
C ILE A 476 8.47 6.75 6.51
N LEU A 477 7.77 6.95 5.36
CA LEU A 477 8.05 6.20 4.13
C LEU A 477 9.31 6.71 3.36
N GLY A 478 9.90 7.81 3.86
CA GLY A 478 11.12 8.39 3.30
C GLY A 478 10.99 8.72 1.84
N VAL A 479 9.95 9.49 1.52
CA VAL A 479 9.57 9.89 0.18
C VAL A 479 10.44 11.02 -0.33
N GLY A 480 11.11 10.77 -1.46
CA GLY A 480 11.94 11.75 -2.16
C GLY A 480 11.22 12.41 -3.33
N ASP A 481 11.98 13.09 -4.20
CA ASP A 481 11.53 13.78 -5.40
C ASP A 481 10.31 14.66 -5.16
N ARG A 482 10.31 15.34 -4.02
CA ARG A 482 9.21 16.22 -3.68
C ARG A 482 9.40 17.57 -4.31
N HIS A 483 8.59 17.86 -5.31
CA HIS A 483 8.54 19.13 -6.03
C HIS A 483 7.08 19.54 -6.10
N LEU A 484 6.80 20.75 -6.57
CA LEU A 484 5.44 21.27 -6.56
C LEU A 484 4.52 20.71 -7.67
N ASP A 485 5.03 19.84 -8.56
CA ASP A 485 4.18 19.22 -9.58
C ASP A 485 3.63 17.89 -9.11
N ASN A 486 4.16 17.35 -7.98
CA ASN A 486 3.66 16.11 -7.43
C ASN A 486 3.15 16.29 -5.96
N LEU A 487 2.64 17.50 -5.70
CA LEU A 487 1.97 17.92 -4.48
C LEU A 487 0.68 18.55 -5.04
N LEU A 488 -0.47 17.92 -4.76
CA LEU A 488 -1.75 18.29 -5.33
C LEU A 488 -2.71 18.88 -4.31
N LEU A 489 -3.56 19.81 -4.76
CA LEU A 489 -4.50 20.48 -3.86
C LEU A 489 -5.91 20.55 -4.41
N THR A 490 -6.89 20.33 -3.53
CA THR A 490 -8.31 20.42 -3.88
C THR A 490 -8.86 21.74 -3.37
N LYS A 491 -9.98 22.18 -3.96
CA LYS A 491 -10.67 23.41 -3.56
C LYS A 491 -11.31 23.25 -2.17
N THR A 492 -11.53 21.99 -1.72
CA THR A 492 -12.07 21.69 -0.38
C THR A 492 -10.99 21.75 0.69
N GLY A 493 -9.75 22.04 0.28
CA GLY A 493 -8.59 22.14 1.16
C GLY A 493 -7.71 20.91 1.29
N LYS A 494 -8.04 19.80 0.59
CA LYS A 494 -7.24 18.57 0.70
C LYS A 494 -5.93 18.70 -0.07
N LEU A 495 -4.81 18.47 0.64
CA LEU A 495 -3.47 18.44 0.08
C LEU A 495 -3.00 16.99 0.13
N PHE A 496 -2.44 16.50 -0.98
CA PHE A 496 -1.93 15.12 -1.04
C PHE A 496 -0.73 14.99 -1.99
N HIS A 497 0.08 13.94 -1.78
CA HIS A 497 1.26 13.62 -2.56
C HIS A 497 0.98 12.54 -3.59
N ILE A 498 1.61 12.68 -4.77
CA ILE A 498 1.54 11.72 -5.86
C ILE A 498 2.95 11.36 -6.34
N ASP A 499 3.08 10.31 -7.16
CA ASP A 499 4.32 9.86 -7.80
C ASP A 499 5.41 9.43 -6.79
N PHE A 500 5.39 8.17 -6.38
CA PHE A 500 6.29 7.65 -5.37
C PHE A 500 7.44 6.86 -6.00
N GLY A 501 8.14 7.53 -6.92
CA GLY A 501 9.30 7.02 -7.63
C GLY A 501 10.52 6.88 -6.75
N TYR A 502 10.64 7.81 -5.78
CA TYR A 502 11.72 7.87 -4.80
C TYR A 502 11.15 7.71 -3.41
N ILE A 503 11.43 6.55 -2.80
CA ILE A 503 10.98 6.16 -1.46
C ILE A 503 12.16 5.62 -0.61
N LEU A 504 11.93 5.43 0.70
CA LEU A 504 12.89 4.90 1.67
C LEU A 504 14.25 5.63 1.70
N GLY A 505 14.20 6.96 1.63
CA GLY A 505 15.39 7.80 1.69
C GLY A 505 16.00 8.28 0.38
N ARG A 506 15.74 7.55 -0.73
CA ARG A 506 16.25 7.90 -2.06
C ARG A 506 15.64 9.23 -2.54
N ASP A 507 16.44 10.02 -3.25
CA ASP A 507 16.05 11.32 -3.81
C ASP A 507 16.91 11.60 -5.05
N PRO A 508 16.46 12.38 -6.07
CA PRO A 508 17.35 12.65 -7.21
C PRO A 508 18.61 13.44 -6.80
N LYS A 509 18.44 14.49 -5.96
CA LYS A 509 19.52 15.33 -5.44
C LYS A 509 20.17 14.68 -4.18
N PRO A 510 21.46 14.96 -3.85
CA PRO A 510 22.04 14.34 -2.66
C PRO A 510 21.67 15.06 -1.36
N LEU A 511 21.90 14.37 -0.22
CA LEU A 511 21.60 14.85 1.13
C LEU A 511 20.15 15.40 1.28
N PRO A 512 19.10 14.56 1.06
CA PRO A 512 17.73 15.05 1.21
C PRO A 512 17.32 15.33 2.65
N PRO A 513 16.45 16.34 2.92
CA PRO A 513 16.00 16.57 4.31
C PRO A 513 15.07 15.42 4.77
N PRO A 514 15.12 14.99 6.06
CA PRO A 514 14.23 13.88 6.48
C PRO A 514 12.75 14.28 6.53
N MET A 515 12.49 15.58 6.68
CA MET A 515 11.17 16.17 6.74
C MET A 515 10.90 16.94 5.45
N LYS A 516 10.00 16.41 4.61
CA LYS A 516 9.62 17.05 3.35
C LYS A 516 8.45 17.98 3.62
N LEU A 517 8.78 19.24 3.92
CA LEU A 517 7.86 20.31 4.24
C LEU A 517 8.46 21.59 3.65
N ASN A 518 7.84 22.10 2.58
CA ASN A 518 8.30 23.30 1.87
C ASN A 518 7.61 24.59 2.36
N LYS A 519 8.14 25.75 1.92
CA LYS A 519 7.62 27.06 2.32
C LYS A 519 6.19 27.32 1.87
N GLU A 520 5.79 26.75 0.71
CA GLU A 520 4.44 26.90 0.13
C GLU A 520 3.35 26.39 1.06
N MET A 521 3.61 25.24 1.74
CA MET A 521 2.71 24.59 2.71
C MET A 521 2.55 25.47 3.96
N VAL A 522 3.69 25.95 4.50
CA VAL A 522 3.76 26.79 5.69
C VAL A 522 3.01 28.11 5.44
N GLU A 523 3.27 28.75 4.28
CA GLU A 523 2.60 29.98 3.85
C GLU A 523 1.07 29.81 3.68
N GLY A 524 0.64 28.60 3.25
CA GLY A 524 -0.76 28.22 3.06
C GLY A 524 -1.53 28.15 4.37
N MET A 525 -0.85 27.75 5.46
CA MET A 525 -1.48 27.69 6.79
C MET A 525 -1.28 29.00 7.58
N GLY A 526 -1.01 30.10 6.86
CA GLY A 526 -0.85 31.45 7.40
C GLY A 526 0.42 31.79 8.17
N GLY A 527 1.54 31.19 7.81
CA GLY A 527 2.82 31.47 8.43
C GLY A 527 3.11 30.72 9.72
N THR A 528 4.39 30.77 10.16
CA THR A 528 4.93 30.10 11.35
C THR A 528 4.40 30.61 12.71
N GLN A 529 3.70 31.75 12.73
CA GLN A 529 3.16 32.28 13.98
C GLN A 529 1.62 32.28 14.03
N SER A 530 0.99 31.50 13.14
CA SER A 530 -0.47 31.37 13.10
C SER A 530 -0.89 30.30 14.10
N GLU A 531 -2.19 30.27 14.47
CA GLU A 531 -2.70 29.23 15.36
C GLU A 531 -2.84 27.92 14.57
N GLN A 532 -3.04 28.02 13.24
CA GLN A 532 -3.11 26.91 12.28
C GLN A 532 -1.80 26.12 12.30
N TYR A 533 -0.66 26.84 12.32
CA TYR A 533 0.66 26.22 12.37
C TYR A 533 0.86 25.42 13.66
N GLN A 534 0.29 25.89 14.77
CA GLN A 534 0.37 25.23 16.07
C GLN A 534 -0.50 23.95 16.08
N GLU A 535 -1.69 24.03 15.43
CA GLU A 535 -2.64 22.92 15.29
C GLU A 535 -1.99 21.86 14.41
N PHE A 536 -1.31 22.30 13.32
CA PHE A 536 -0.59 21.46 12.37
C PHE A 536 0.47 20.62 13.09
N ARG A 537 1.26 21.26 13.97
CA ARG A 537 2.29 20.61 14.78
C ARG A 537 1.64 19.61 15.72
N LYS A 538 0.52 19.99 16.37
CA LYS A 538 -0.24 19.17 17.31
C LYS A 538 -0.71 17.89 16.62
N GLN A 539 -1.36 18.04 15.44
CA GLN A 539 -1.84 16.94 14.59
C GLN A 539 -0.69 16.02 14.17
N CYS A 540 0.51 16.61 13.86
CA CYS A 540 1.72 15.87 13.51
C CYS A 540 2.12 14.92 14.63
N TYR A 541 2.18 15.42 15.90
CA TYR A 541 2.53 14.59 17.07
C TYR A 541 1.55 13.45 17.30
N THR A 542 0.23 13.78 17.25
CA THR A 542 -0.87 12.83 17.44
C THR A 542 -0.71 11.67 16.43
N ALA A 543 -0.64 12.03 15.12
CA ALA A 543 -0.47 11.11 14.01
C ALA A 543 0.79 10.26 14.19
N PHE A 544 1.92 10.89 14.58
CA PHE A 544 3.18 10.19 14.83
C PHE A 544 3.12 9.23 16.01
N LEU A 545 2.42 9.60 17.11
CA LEU A 545 2.28 8.75 18.28
C LEU A 545 1.37 7.57 17.99
N HIS A 546 0.27 7.81 17.22
CA HIS A 546 -0.67 6.77 16.79
C HIS A 546 -0.01 5.74 15.86
N LEU A 547 0.76 6.21 14.84
CA LEU A 547 1.41 5.34 13.89
C LEU A 547 2.54 4.51 14.50
N ARG A 548 3.25 5.07 15.51
CA ARG A 548 4.31 4.36 16.25
C ARG A 548 3.73 3.13 16.97
N ARG A 549 2.48 3.25 17.48
CA ARG A 549 1.75 2.19 18.17
C ARG A 549 1.42 1.03 17.25
N TYR A 550 1.45 1.28 15.92
CA TYR A 550 1.18 0.31 14.88
C TYR A 550 2.42 -0.13 14.09
N SER A 551 3.62 0.25 14.57
CA SER A 551 4.93 -0.07 13.98
C SER A 551 5.11 -1.57 13.73
N ASN A 552 4.62 -2.40 14.63
CA ASN A 552 4.72 -3.86 14.51
C ASN A 552 4.07 -4.37 13.23
N LEU A 553 2.83 -3.91 12.95
CA LEU A 553 2.08 -4.25 11.74
C LEU A 553 2.77 -3.72 10.47
N ILE A 554 3.10 -2.42 10.45
CA ILE A 554 3.74 -1.77 9.32
C ILE A 554 5.09 -2.45 8.99
N LEU A 555 5.95 -2.66 10.01
CA LEU A 555 7.26 -3.29 9.81
C LEU A 555 7.17 -4.74 9.35
N ASN A 556 6.13 -5.47 9.81
CA ASN A 556 5.88 -6.85 9.39
C ASN A 556 5.46 -6.86 7.94
N LEU A 557 4.63 -5.86 7.54
CA LEU A 557 4.13 -5.75 6.17
C LEU A 557 5.28 -5.45 5.19
N PHE A 558 6.18 -4.50 5.55
CA PHE A 558 7.39 -4.19 4.77
C PHE A 558 8.36 -5.37 4.72
N SER A 559 8.39 -6.21 5.77
CA SER A 559 9.28 -7.37 5.83
C SER A 559 8.87 -8.44 4.83
N LEU A 560 7.59 -8.46 4.45
CA LEU A 560 7.09 -9.44 3.49
C LEU A 560 7.36 -8.99 2.06
N MET A 561 7.78 -7.73 1.90
CA MET A 561 8.08 -7.10 0.62
C MET A 561 9.56 -7.13 0.21
N VAL A 562 10.48 -7.46 1.15
CA VAL A 562 11.96 -7.46 0.95
C VAL A 562 12.43 -8.05 -0.40
N ASP A 563 11.82 -9.14 -0.88
CA ASP A 563 12.22 -9.81 -2.11
C ASP A 563 11.30 -9.54 -3.31
N ALA A 564 10.51 -8.45 -3.23
CA ALA A 564 9.59 -8.05 -4.29
C ALA A 564 10.30 -7.14 -5.27
N ASN A 565 9.91 -7.22 -6.56
CA ASN A 565 10.51 -6.36 -7.58
C ASN A 565 9.90 -4.97 -7.51
N ILE A 566 10.32 -4.23 -6.46
CA ILE A 566 9.99 -2.85 -6.10
C ILE A 566 11.35 -2.16 -6.20
N PRO A 567 11.58 -1.26 -7.19
CA PRO A 567 12.93 -0.70 -7.39
C PRO A 567 13.68 -0.26 -6.13
N ASP A 568 13.10 0.67 -5.33
CA ASP A 568 13.72 1.19 -4.11
C ASP A 568 13.85 0.18 -2.95
N ILE A 569 13.27 -1.03 -3.09
CA ILE A 569 13.43 -2.07 -2.07
C ILE A 569 14.58 -2.97 -2.52
N ALA A 570 14.52 -3.44 -3.79
CA ALA A 570 15.47 -4.33 -4.45
C ALA A 570 16.93 -3.83 -4.46
N LEU A 571 17.15 -2.50 -4.28
CA LEU A 571 18.47 -1.86 -4.19
C LEU A 571 19.21 -2.34 -2.94
N GLU A 572 18.53 -2.31 -1.78
CA GLU A 572 19.02 -2.75 -0.48
C GLU A 572 17.94 -3.58 0.23
N PRO A 573 17.64 -4.84 -0.21
CA PRO A 573 16.60 -5.63 0.47
C PRO A 573 16.79 -5.82 1.99
N ASP A 574 18.01 -6.19 2.39
CA ASP A 574 18.46 -6.45 3.77
C ASP A 574 18.38 -5.23 4.73
N LYS A 575 18.45 -4.00 4.18
CA LYS A 575 18.41 -2.72 4.91
C LYS A 575 17.05 -1.99 4.89
N THR A 576 16.07 -2.48 4.09
CA THR A 576 14.75 -1.89 3.84
C THR A 576 13.92 -1.62 5.12
N VAL A 577 13.63 -2.67 5.92
CA VAL A 577 12.82 -2.55 7.13
C VAL A 577 13.44 -1.55 8.12
N LYS A 578 14.77 -1.65 8.34
CA LYS A 578 15.52 -0.74 9.22
C LYS A 578 15.29 0.73 8.86
N LYS A 579 15.22 1.07 7.55
CA LYS A 579 14.97 2.44 7.05
C LYS A 579 13.61 2.96 7.51
N VAL A 580 12.60 2.08 7.64
CA VAL A 580 11.26 2.44 8.10
C VAL A 580 11.26 2.54 9.63
N GLN A 581 11.82 1.51 10.32
CA GLN A 581 11.94 1.38 11.79
C GLN A 581 12.55 2.60 12.48
N ASP A 582 13.69 3.10 11.96
CA ASP A 582 14.42 4.27 12.48
C ASP A 582 13.57 5.54 12.46
N LYS A 583 12.61 5.65 11.52
CA LYS A 583 11.74 6.82 11.42
C LYS A 583 10.74 6.87 12.58
N PHE A 584 10.35 5.69 13.10
CA PHE A 584 9.43 5.59 14.24
C PHE A 584 10.08 6.07 15.54
N ARG A 585 11.43 5.94 15.66
CA ARG A 585 12.21 6.29 16.85
C ARG A 585 11.62 5.55 18.06
N LEU A 586 11.52 4.22 17.90
CA LEU A 586 10.97 3.32 18.91
C LEU A 586 11.83 3.24 20.18
N ASP A 587 13.07 3.77 20.10
CA ASP A 587 14.02 3.89 21.20
C ASP A 587 13.54 4.96 22.20
N LEU A 588 12.86 6.01 21.71
CA LEU A 588 12.32 7.10 22.53
C LEU A 588 10.95 6.76 23.13
N SER A 589 10.56 7.48 24.18
CA SER A 589 9.26 7.35 24.83
C SER A 589 8.29 8.30 24.10
N ASP A 590 6.97 8.19 24.38
CA ASP A 590 5.94 9.04 23.76
C ASP A 590 6.23 10.55 23.89
N GLU A 591 6.66 10.99 25.10
CA GLU A 591 7.01 12.38 25.41
C GLU A 591 8.29 12.84 24.69
N GLU A 592 9.32 11.97 24.65
CA GLU A 592 10.59 12.21 23.97
C GLU A 592 10.37 12.30 22.44
N ALA A 593 9.52 11.40 21.90
CA ALA A 593 9.17 11.35 20.48
C ALA A 593 8.48 12.64 20.04
N VAL A 594 7.52 13.17 20.85
CA VAL A 594 6.83 14.44 20.56
C VAL A 594 7.86 15.58 20.49
N HIS A 595 8.89 15.53 21.37
CA HIS A 595 9.99 16.49 21.41
C HIS A 595 10.77 16.41 20.09
N TYR A 596 11.12 15.17 19.67
CA TYR A 596 11.84 14.87 18.43
C TYR A 596 11.06 15.36 17.20
N MET A 597 9.74 15.09 17.17
CA MET A 597 8.83 15.51 16.10
C MET A 597 8.71 17.03 16.01
N GLN A 598 8.61 17.74 17.18
CA GLN A 598 8.52 19.20 17.23
C GLN A 598 9.82 19.89 16.80
N SER A 599 10.99 19.28 17.13
CA SER A 599 12.32 19.77 16.76
C SER A 599 12.58 19.52 15.27
N LEU A 600 12.11 18.36 14.74
CA LEU A 600 12.26 17.97 13.34
C LEU A 600 11.47 18.90 12.43
N ILE A 601 10.26 19.33 12.87
CA ILE A 601 9.42 20.31 12.17
C ILE A 601 10.15 21.67 12.25
N ASP A 602 10.76 21.98 13.43
CA ASP A 602 11.51 23.22 13.70
C ASP A 602 12.72 23.37 12.76
N GLU A 603 13.61 22.36 12.74
CA GLU A 603 14.82 22.29 11.94
C GLU A 603 14.58 22.35 10.43
N SER A 604 13.47 21.73 9.95
CA SER A 604 13.10 21.73 8.54
C SER A 604 12.54 23.08 8.13
N VAL A 605 11.74 23.72 9.01
CA VAL A 605 11.16 25.05 8.78
C VAL A 605 12.29 26.10 8.86
N HIS A 606 13.28 25.87 9.75
CA HIS A 606 14.47 26.70 9.93
C HIS A 606 15.28 26.70 8.62
N ALA A 607 15.54 25.50 8.06
CA ALA A 607 16.29 25.27 6.81
C ALA A 607 15.72 26.01 5.62
N LEU A 608 14.41 26.34 5.66
CA LEU A 608 13.72 27.08 4.61
C LEU A 608 14.07 28.59 4.61
N PHE A 609 15.07 28.99 5.42
CA PHE A 609 15.51 30.39 5.52
C PHE A 609 17.00 30.54 5.16
#